data_1RIW
#
_entry.id   1RIW
#
_cell.length_a   71.055
_cell.length_b   72.366
_cell.length_c   70.830
_cell.angle_alpha   90.00
_cell.angle_beta   100.19
_cell.angle_gamma   90.00
#
_symmetry.space_group_name_H-M   'C 1 2 1'
#
loop_
_entity.id
_entity.type
_entity.pdbx_description
1 polymer 'thrombin light chain'
2 polymer 'thrombin heavy chain, B'
3 polymer 'thrombin heavy chain, C'
4 polymer 'Hirudin IIB'
5 non-polymer 2-acetamido-2-deoxy-beta-D-glucopyranose
6 non-polymer 'SODIUM ION'
7 non-polymer (2R,3AS,6R,7AS)-N-(2-{1-[AMINO(IMINO)METHYL]-2,5-DIHYDRO-1H-PYRROL-3-YL}ETHYL)-6-HYDROXY-1-{N-[(2S)-2-HYDROXY-3-PHENYLPROPANOYL]PHENYLALANYL}OCTAHYDRO-1H-INDOLE-2-CARBOXAMIDE
8 water water
#
loop_
_entity_poly.entity_id
_entity_poly.type
_entity_poly.pdbx_seq_one_letter_code
_entity_poly.pdbx_strand_id
1 'polypeptide(L)' TFGSGEADCGLRPLFEKKSLEDKTERELLESYIDGR A
2 'polypeptide(L)'
;IVEGSDAEIGMSPWQVMLFRKSPQELLCGASLISDRWVLTAAHCLLYPPWDKNFTENDLLVRIGKHSRTRYERNIEKISM
LEKIYIHPRYNWRENLDRDIALMKLKKPVAFSDYIHPVCLPDRETAASLLQAGYKGRVTGWGNLKET
;
B
3 'polypeptide(L)'
;GQPSVLQVVNLPIVERPVCKDSTRIRITDNMFCAGYKPDEGKRGDACEGDSGGPFVMKSPFNNRWYQMGIVSWGEGCDRD
GKYGFYTHVFRLKKWIQKVIDQFGE
;
C
4 'polypeptide(L)' DFEEIPEE(TYS)LQ D
#
loop_
_chem_comp.id
_chem_comp.type
_chem_comp.name
_chem_comp.formula
NA non-polymer 'SODIUM ION' 'Na 1'
NAG D-saccharide, beta linking 2-acetamido-2-deoxy-beta-D-glucopyranose 'C8 H15 N O6'
OSC non-polymer (2R,3AS,6R,7AS)-N-(2-{1-[AMINO(IMINO)METHYL]-2,5-DIHYDRO-1H-PYRROL-3-YL}ETHYL)-6-HYDROXY-1-{N-[(2S)-2-HYDROXY-3-PHENYLPROPANOYL]PHENYLALANYL}OCTAHYDRO-1H-INDOLE-2-CARBOXAMIDE 'C34 H44 N6 O5'
#
# COMPACT_ATOMS: atom_id res chain seq x y z
N ALA A 7 13.62 9.50 -11.77
CA ALA A 7 13.46 10.89 -11.29
C ALA A 7 12.06 11.40 -11.61
N ASP A 8 11.24 10.51 -12.16
CA ASP A 8 9.86 10.85 -12.50
C ASP A 8 8.90 10.14 -11.54
N CYS A 9 9.41 9.70 -10.39
CA CYS A 9 8.57 9.02 -9.42
C CYS A 9 7.44 9.95 -8.99
N GLY A 10 6.32 9.36 -8.61
CA GLY A 10 5.19 10.12 -8.12
C GLY A 10 4.37 10.93 -9.09
N LEU A 11 4.77 11.00 -10.36
CA LEU A 11 4.02 11.76 -11.36
C LEU A 11 3.29 10.77 -12.25
N ARG A 12 1.97 10.72 -12.11
CA ARG A 12 1.17 9.78 -12.87
C ARG A 12 1.00 10.14 -14.34
N PRO A 13 1.31 9.20 -15.23
CA PRO A 13 1.18 9.46 -16.67
C PRO A 13 -0.18 10.02 -17.04
N LEU A 14 -1.25 9.43 -16.50
CA LEU A 14 -2.59 9.89 -16.84
C LEU A 14 -3.12 11.07 -16.05
N PHE A 15 -2.33 11.58 -15.11
CA PHE A 15 -2.79 12.73 -14.35
C PHE A 15 -1.80 13.88 -14.34
N GLU A 16 -0.90 13.91 -13.35
CA GLU A 16 0.07 14.99 -13.26
C GLU A 16 0.79 15.26 -14.58
N LYS A 17 1.24 14.21 -15.25
CA LYS A 17 1.97 14.36 -16.51
C LYS A 17 1.14 15.07 -17.58
N LYS A 18 -0.18 14.91 -17.50
CA LYS A 18 -1.12 15.53 -18.45
C LYS A 18 -1.83 16.73 -17.84
N SER A 19 -1.53 17.00 -16.58
CA SER A 19 -2.13 18.10 -15.84
C SER A 19 -3.63 17.88 -15.64
N LEU A 20 -4.02 16.66 -15.32
CA LEU A 20 -5.41 16.32 -15.06
C LEU A 20 -5.43 15.92 -13.59
N GLU A 21 -6.52 16.23 -12.89
CA GLU A 21 -6.62 15.89 -11.47
C GLU A 21 -7.62 14.76 -11.31
N ASP A 22 -7.42 13.90 -10.33
CA ASP A 22 -8.39 12.84 -10.13
C ASP A 22 -9.50 13.47 -9.29
N LYS A 23 -10.60 12.75 -9.15
CA LYS A 23 -11.77 13.26 -8.44
C LYS A 23 -11.68 13.62 -6.97
N THR A 24 -10.63 13.19 -6.27
CA THR A 24 -10.54 13.52 -4.86
C THR A 24 -9.20 14.04 -4.36
N GLU A 25 -8.21 14.15 -5.25
CA GLU A 25 -6.90 14.61 -4.79
C GLU A 25 -6.99 16.00 -4.16
N ARG A 26 -7.97 16.79 -4.58
CA ARG A 26 -8.15 18.13 -4.04
C ARG A 26 -8.43 18.04 -2.54
N GLU A 27 -9.13 16.99 -2.14
CA GLU A 27 -9.44 16.77 -0.73
C GLU A 27 -8.15 16.69 0.10
N LEU A 28 -7.14 16.03 -0.45
CA LEU A 28 -5.86 15.90 0.24
C LEU A 28 -5.19 17.27 0.36
N LEU A 29 -5.16 18.00 -0.75
CA LEU A 29 -4.56 19.33 -0.78
C LEU A 29 -5.20 20.23 0.26
N GLU A 30 -6.53 20.21 0.30
CA GLU A 30 -7.30 21.03 1.24
C GLU A 30 -6.98 20.73 2.70
N SER A 31 -6.65 19.48 3.01
CA SER A 31 -6.35 19.12 4.38
C SER A 31 -4.99 19.66 4.82
N TYR A 32 -4.05 19.80 3.89
CA TYR A 32 -2.71 20.30 4.22
C TYR A 32 -2.82 21.79 4.45
N ILE A 33 -3.34 22.17 5.62
CA ILE A 33 -3.51 23.55 5.98
C ILE A 33 -2.20 24.21 6.40
N ILE B 1 -10.81 -2.45 1.14
CA ILE B 1 -11.11 -1.06 1.57
C ILE B 1 -12.60 -0.95 1.94
N VAL B 2 -12.88 -0.49 3.15
CA VAL B 2 -14.25 -0.36 3.61
C VAL B 2 -14.70 1.09 3.50
N GLU B 3 -15.90 1.28 2.95
CA GLU B 3 -16.46 2.61 2.78
C GLU B 3 -15.61 3.49 1.87
N GLY B 4 -15.05 2.89 0.82
CA GLY B 4 -14.23 3.63 -0.12
C GLY B 4 -14.95 3.81 -1.44
N SER B 5 -14.19 4.05 -2.51
CA SER B 5 -14.80 4.22 -3.82
C SER B 5 -13.93 3.57 -4.91
N ASP B 6 -14.53 3.37 -6.08
CA ASP B 6 -13.84 2.79 -7.22
C ASP B 6 -12.72 3.75 -7.63
N ALA B 7 -11.52 3.22 -7.80
CA ALA B 7 -10.40 4.05 -8.21
C ALA B 7 -10.57 4.39 -9.69
N GLU B 8 -9.96 5.49 -10.14
CA GLU B 8 -10.04 5.86 -11.54
C GLU B 8 -8.93 5.11 -12.27
N ILE B 9 -9.02 5.03 -13.59
CA ILE B 9 -7.99 4.34 -14.36
C ILE B 9 -6.69 5.14 -14.20
N GLY B 10 -5.59 4.44 -13.95
CA GLY B 10 -4.30 5.11 -13.80
C GLY B 10 -4.11 5.97 -12.56
N MET B 11 -5.09 5.93 -11.67
CA MET B 11 -5.06 6.71 -10.43
C MET B 11 -3.94 6.29 -9.47
N SER B 12 -3.62 5.00 -9.43
CA SER B 12 -2.58 4.50 -8.53
C SER B 12 -1.70 3.54 -9.33
N PRO B 13 -0.91 4.06 -10.28
CA PRO B 13 -0.02 3.26 -11.13
C PRO B 13 1.11 2.52 -10.42
N TRP B 14 1.25 2.74 -9.12
CA TRP B 14 2.28 2.07 -8.34
C TRP B 14 1.70 0.91 -7.53
N GLN B 15 0.38 0.77 -7.58
CA GLN B 15 -0.30 -0.30 -6.87
C GLN B 15 0.13 -1.65 -7.44
N VAL B 16 0.44 -2.59 -6.56
CA VAL B 16 0.87 -3.92 -6.98
C VAL B 16 0.04 -4.98 -6.29
N MET B 17 -0.25 -6.07 -6.99
CA MET B 17 -1.02 -7.15 -6.39
C MET B 17 -0.08 -8.32 -6.17
N LEU B 18 0.02 -8.79 -4.92
CA LEU B 18 0.86 -9.94 -4.64
C LEU B 18 -0.08 -11.11 -4.90
N PHE B 19 0.26 -11.90 -5.89
CA PHE B 19 -0.57 -13.03 -6.30
C PHE B 19 0.04 -14.37 -5.94
N ARG B 20 -0.78 -15.22 -5.34
CA ARG B 20 -0.34 -16.55 -4.94
C ARG B 20 -0.54 -17.46 -6.15
N LYS B 21 0.46 -18.29 -6.41
CA LYS B 21 0.35 -19.21 -7.53
C LYS B 21 -0.73 -20.28 -7.36
N SER B 22 -0.59 -21.13 -6.34
CA SER B 22 -1.55 -22.20 -6.11
C SER B 22 -1.82 -22.43 -4.65
N PRO B 23 -3.08 -22.21 -4.21
CA PRO B 23 -4.18 -21.79 -5.09
C PRO B 23 -4.14 -20.32 -5.54
N GLN B 24 -4.50 -20.08 -6.80
CA GLN B 24 -4.50 -18.74 -7.38
C GLN B 24 -5.44 -17.83 -6.61
N GLU B 25 -4.87 -16.94 -5.81
CA GLU B 25 -5.66 -16.02 -5.01
C GLU B 25 -4.85 -14.79 -4.66
N LEU B 26 -5.56 -13.72 -4.32
CA LEU B 26 -4.93 -12.48 -3.93
C LEU B 26 -4.26 -12.75 -2.58
N LEU B 27 -3.04 -12.27 -2.43
CA LEU B 27 -2.34 -12.45 -1.17
C LEU B 27 -2.29 -11.16 -0.40
N CYS B 28 -1.87 -10.11 -1.08
CA CYS B 28 -1.72 -8.80 -0.46
C CYS B 28 -1.54 -7.72 -1.51
N GLY B 29 -1.53 -6.48 -1.04
CA GLY B 29 -1.28 -5.35 -1.91
C GLY B 29 0.21 -5.11 -1.75
N ALA B 30 0.76 -4.22 -2.57
CA ALA B 30 2.17 -3.90 -2.53
C ALA B 30 2.32 -2.64 -3.35
N SER B 31 3.55 -2.11 -3.47
CA SER B 31 3.77 -0.90 -4.25
C SER B 31 5.06 -0.94 -5.07
N LEU B 32 5.03 -0.29 -6.22
CA LEU B 32 6.19 -0.26 -7.11
C LEU B 32 7.02 0.99 -6.83
N ILE B 33 8.29 0.80 -6.44
CA ILE B 33 9.15 1.94 -6.13
C ILE B 33 10.30 2.19 -7.11
N SER B 34 10.46 1.30 -8.09
CA SER B 34 11.49 1.45 -9.13
C SER B 34 11.16 0.37 -10.15
N ASP B 35 11.92 0.30 -11.24
CA ASP B 35 11.61 -0.71 -12.25
C ASP B 35 11.86 -2.15 -11.80
N ARG B 36 12.54 -2.34 -10.67
CA ARG B 36 12.81 -3.70 -10.19
C ARG B 36 12.55 -3.97 -8.70
N TRP B 37 12.03 -2.98 -7.98
CA TRP B 37 11.76 -3.16 -6.55
C TRP B 37 10.31 -2.89 -6.16
N VAL B 38 9.76 -3.80 -5.37
CA VAL B 38 8.40 -3.72 -4.90
C VAL B 38 8.41 -3.75 -3.37
N LEU B 39 7.62 -2.87 -2.76
CA LEU B 39 7.53 -2.76 -1.31
C LEU B 39 6.21 -3.34 -0.81
N THR B 40 6.23 -4.04 0.32
CA THR B 40 5.02 -4.62 0.87
C THR B 40 5.15 -4.79 2.38
N ALA B 41 4.16 -5.43 3.00
CA ALA B 41 4.19 -5.65 4.44
C ALA B 41 4.86 -6.99 4.69
N ALA B 42 5.71 -7.06 5.71
CA ALA B 42 6.40 -8.30 6.06
C ALA B 42 5.44 -9.44 6.39
N HIS B 43 4.35 -9.15 7.08
CA HIS B 43 3.41 -10.20 7.46
C HIS B 43 2.67 -10.83 6.29
N CYS B 44 2.86 -10.28 5.10
CA CYS B 44 2.25 -10.83 3.89
C CYS B 44 3.08 -12.03 3.44
N LEU B 45 4.36 -12.00 3.78
CA LEU B 45 5.29 -13.06 3.37
C LEU B 45 5.69 -13.97 4.51
N LEU B 46 5.75 -13.42 5.72
CA LEU B 46 6.19 -14.22 6.86
C LEU B 46 5.37 -14.02 8.14
N TYR B 47 4.83 -15.12 8.65
CA TYR B 47 4.08 -15.10 9.90
C TYR B 47 4.00 -16.52 10.48
N PRO B 48 5.10 -16.96 11.11
CA PRO B 48 5.26 -18.28 11.74
C PRO B 48 4.10 -18.80 12.58
N PRO B 49 3.41 -17.92 13.32
CA PRO B 49 2.29 -18.42 14.13
C PRO B 49 1.24 -19.16 13.29
N TRP B 50 1.18 -18.82 12.00
CA TRP B 50 0.24 -19.44 11.06
C TRP B 50 1.00 -20.33 10.10
N ASP B 51 2.31 -20.47 10.34
CA ASP B 51 3.18 -21.28 9.48
C ASP B 51 3.33 -20.71 8.08
N LYS B 52 3.25 -19.39 7.97
CA LYS B 52 3.41 -18.71 6.69
C LYS B 52 4.87 -18.30 6.53
N ASN B 53 5.50 -18.77 5.46
CA ASN B 53 6.88 -18.45 5.17
C ASN B 53 7.09 -18.57 3.67
N PHE B 54 6.43 -17.71 2.90
CA PHE B 54 6.54 -17.75 1.44
C PHE B 54 7.95 -17.57 0.91
N THR B 55 8.27 -18.29 -0.17
CA THR B 55 9.56 -18.19 -0.82
C THR B 55 9.32 -17.55 -2.18
N GLU B 56 10.38 -17.04 -2.81
CA GLU B 56 10.24 -16.38 -4.11
C GLU B 56 9.34 -17.11 -5.11
N ASN B 57 9.46 -18.44 -5.17
CA ASN B 57 8.68 -19.25 -6.11
C ASN B 57 7.21 -19.43 -5.83
N ASP B 58 6.76 -19.08 -4.62
CA ASP B 58 5.37 -19.25 -4.29
C ASP B 58 4.44 -18.17 -4.84
N LEU B 59 5.01 -17.06 -5.30
CA LEU B 59 4.16 -15.99 -5.80
C LEU B 59 4.62 -15.18 -7.00
N LEU B 60 3.74 -14.28 -7.43
CA LEU B 60 3.98 -13.40 -8.56
C LEU B 60 3.45 -12.04 -8.17
N VAL B 61 3.89 -11.00 -8.87
CA VAL B 61 3.41 -9.65 -8.63
C VAL B 61 2.76 -9.19 -9.92
N ARG B 62 1.53 -8.70 -9.80
CA ARG B 62 0.80 -8.22 -10.97
C ARG B 62 0.72 -6.71 -10.85
N ILE B 63 1.25 -6.05 -11.87
CA ILE B 63 1.35 -4.60 -11.91
C ILE B 63 0.51 -3.99 -13.02
N GLY B 64 -0.01 -2.79 -12.78
CA GLY B 64 -0.82 -2.09 -13.76
C GLY B 64 -2.29 -2.51 -13.78
N LYS B 65 -2.71 -3.22 -12.73
CA LYS B 65 -4.10 -3.71 -12.66
C LYS B 65 -5.15 -2.72 -12.16
N HIS B 66 -6.40 -3.04 -12.46
CA HIS B 66 -7.54 -2.24 -12.04
C HIS B 66 -8.58 -3.26 -11.57
N SER B 67 -8.94 -4.17 -12.46
CA SER B 67 -9.89 -5.22 -12.13
C SER B 67 -9.20 -6.21 -11.19
N ARG B 68 -9.92 -6.69 -10.18
CA ARG B 68 -9.36 -7.63 -9.20
C ARG B 68 -9.10 -9.03 -9.73
N THR B 69 -10.10 -9.66 -10.33
CA THR B 69 -9.99 -11.04 -10.83
C THR B 69 -9.56 -11.31 -12.28
N ARG B 70 -9.90 -10.43 -13.19
CA ARG B 70 -9.58 -10.63 -14.61
C ARG B 70 -8.11 -10.46 -14.96
N TYR B 71 -7.70 -11.12 -16.05
CA TYR B 71 -6.34 -10.97 -16.53
C TYR B 71 -6.49 -9.83 -17.52
N GLU B 72 -5.91 -8.68 -17.17
CA GLU B 72 -6.02 -7.49 -18.00
C GLU B 72 -4.99 -7.42 -19.11
N ARG B 73 -5.25 -8.21 -20.14
CA ARG B 73 -4.44 -8.34 -21.34
C ARG B 73 -4.06 -7.01 -21.96
N ASN B 74 -2.78 -6.85 -22.29
CA ASN B 74 -2.28 -5.62 -22.91
C ASN B 74 -2.19 -4.44 -21.96
N ILE B 75 -2.48 -4.68 -20.68
CA ILE B 75 -2.43 -3.61 -19.70
C ILE B 75 -1.57 -3.99 -18.49
N GLU B 76 -1.94 -5.06 -17.81
CA GLU B 76 -1.18 -5.48 -16.64
C GLU B 76 0.07 -6.23 -17.04
N LYS B 77 1.04 -6.27 -16.13
CA LYS B 77 2.29 -6.98 -16.34
C LYS B 77 2.51 -7.87 -15.13
N ILE B 78 2.94 -9.10 -15.39
CA ILE B 78 3.17 -10.07 -14.33
C ILE B 78 4.66 -10.38 -14.26
N SER B 79 5.24 -10.17 -13.08
CA SER B 79 6.66 -10.40 -12.89
C SER B 79 6.91 -11.49 -11.86
N MET B 80 8.07 -12.11 -11.96
CA MET B 80 8.49 -13.15 -11.04
C MET B 80 9.47 -12.51 -10.08
N LEU B 81 9.58 -13.06 -8.88
CA LEU B 81 10.48 -12.53 -7.88
C LEU B 81 11.86 -13.15 -7.91
N GLU B 82 12.88 -12.31 -7.84
CA GLU B 82 14.24 -12.81 -7.82
C GLU B 82 14.63 -13.11 -6.39
N LYS B 83 14.28 -12.19 -5.50
CA LYS B 83 14.61 -12.35 -4.09
C LYS B 83 13.69 -11.55 -3.17
N ILE B 84 13.45 -12.09 -1.99
CA ILE B 84 12.62 -11.45 -0.99
C ILE B 84 13.51 -11.02 0.17
N TYR B 85 13.28 -9.82 0.70
CA TYR B 85 14.05 -9.32 1.83
C TYR B 85 13.10 -8.82 2.91
N ILE B 86 13.10 -9.50 4.05
CA ILE B 86 12.24 -9.12 5.17
C ILE B 86 13.08 -8.36 6.21
N HIS B 87 12.54 -7.29 6.78
CA HIS B 87 13.31 -6.55 7.77
C HIS B 87 13.77 -7.54 8.86
N PRO B 88 15.08 -7.58 9.12
CA PRO B 88 15.62 -8.49 10.12
C PRO B 88 14.99 -8.35 11.52
N ARG B 89 14.48 -7.16 11.83
CA ARG B 89 13.87 -6.96 13.14
C ARG B 89 12.34 -6.90 13.12
N TYR B 90 11.74 -7.40 12.05
CA TYR B 90 10.28 -7.45 11.95
C TYR B 90 9.80 -8.27 13.13
N ASN B 91 8.92 -7.69 13.96
CA ASN B 91 8.44 -8.38 15.16
C ASN B 91 7.09 -9.09 14.99
N TRP B 92 7.13 -10.30 14.43
CA TRP B 92 5.92 -11.08 14.22
C TRP B 92 5.45 -11.76 15.50
N ARG B 93 6.32 -11.77 16.51
CA ARG B 93 5.98 -12.39 17.79
C ARG B 93 4.98 -11.59 18.58
N GLU B 94 5.07 -10.27 18.46
CA GLU B 94 4.19 -9.40 19.23
C GLU B 94 3.22 -8.48 18.49
N ASN B 95 3.72 -7.32 18.05
CA ASN B 95 2.90 -6.29 17.42
C ASN B 95 3.15 -5.92 15.97
N LEU B 96 3.88 -6.74 15.23
CA LEU B 96 4.18 -6.45 13.83
C LEU B 96 5.03 -5.20 13.66
N ASP B 97 5.88 -4.94 14.66
CA ASP B 97 6.77 -3.78 14.61
C ASP B 97 7.66 -3.97 13.38
N ARG B 98 7.91 -2.90 12.65
CA ARG B 98 8.73 -2.94 11.44
C ARG B 98 8.14 -3.90 10.42
N ASP B 99 6.83 -3.77 10.17
CA ASP B 99 6.12 -4.62 9.23
C ASP B 99 6.47 -4.13 7.81
N ILE B 100 7.62 -4.54 7.30
CA ILE B 100 8.05 -4.12 5.98
C ILE B 100 8.93 -5.16 5.29
N ALA B 101 8.80 -5.23 3.97
CA ALA B 101 9.58 -6.18 3.17
C ALA B 101 9.75 -5.66 1.76
N LEU B 102 10.86 -6.04 1.14
CA LEU B 102 11.16 -5.63 -0.23
C LEU B 102 11.24 -6.87 -1.08
N MET B 103 10.90 -6.73 -2.35
CA MET B 103 10.94 -7.83 -3.31
C MET B 103 11.60 -7.33 -4.58
N LYS B 104 12.67 -7.99 -5.00
CA LYS B 104 13.38 -7.62 -6.22
C LYS B 104 12.83 -8.47 -7.36
N LEU B 105 12.47 -7.81 -8.46
CA LEU B 105 11.92 -8.48 -9.62
C LEU B 105 13.02 -9.13 -10.45
N LYS B 106 12.72 -10.25 -11.09
CA LYS B 106 13.72 -10.91 -11.92
C LYS B 106 14.15 -10.01 -13.07
N LYS B 107 13.19 -9.36 -13.71
CA LYS B 107 13.46 -8.45 -14.82
C LYS B 107 12.81 -7.11 -14.56
N PRO B 108 13.39 -6.03 -15.10
CA PRO B 108 12.76 -4.73 -14.86
C PRO B 108 11.40 -4.70 -15.55
N VAL B 109 10.46 -3.98 -14.98
CA VAL B 109 9.13 -3.88 -15.57
C VAL B 109 9.11 -2.59 -16.39
N ALA B 110 8.49 -2.64 -17.57
CA ALA B 110 8.41 -1.44 -18.40
C ALA B 110 7.29 -0.53 -17.91
N PHE B 111 7.61 0.74 -17.71
CA PHE B 111 6.61 1.69 -17.24
C PHE B 111 5.62 2.01 -18.37
N SER B 112 4.44 2.49 -18.02
CA SER B 112 3.42 2.81 -19.01
C SER B 112 2.41 3.76 -18.40
N ASP B 113 1.26 3.93 -19.05
CA ASP B 113 0.22 4.81 -18.53
C ASP B 113 -0.35 4.22 -17.24
N TYR B 114 -0.24 2.90 -17.11
CA TYR B 114 -0.77 2.19 -15.95
C TYR B 114 0.26 1.67 -14.97
N ILE B 115 1.54 1.82 -15.32
CA ILE B 115 2.62 1.34 -14.47
C ILE B 115 3.68 2.41 -14.26
N HIS B 116 3.78 2.89 -13.02
CA HIS B 116 4.72 3.95 -12.70
C HIS B 116 5.02 3.90 -11.19
N PRO B 117 6.29 4.08 -10.81
CA PRO B 117 6.70 4.05 -9.40
C PRO B 117 6.28 5.24 -8.54
N VAL B 118 6.12 5.01 -7.25
CA VAL B 118 5.77 6.06 -6.31
C VAL B 118 7.09 6.53 -5.69
N CYS B 119 7.12 7.74 -5.12
CA CYS B 119 8.35 8.23 -4.50
C CYS B 119 8.39 7.83 -3.03
N LEU B 120 9.59 7.76 -2.47
CA LEU B 120 9.73 7.48 -1.05
C LEU B 120 10.10 8.86 -0.51
N PRO B 121 9.58 9.21 0.68
CA PRO B 121 9.88 10.51 1.26
C PRO B 121 11.27 10.66 1.89
N ASP B 122 11.74 11.89 1.95
CA ASP B 122 13.00 12.17 2.62
C ASP B 122 12.55 12.81 3.92
N ARG B 123 13.49 13.08 4.82
CA ARG B 123 13.16 13.67 6.12
C ARG B 123 12.19 14.85 6.07
N GLU B 124 12.55 15.90 5.36
CA GLU B 124 11.71 17.10 5.26
C GLU B 124 10.31 16.76 4.74
N THR B 125 10.22 15.85 3.77
CA THR B 125 8.92 15.48 3.23
C THR B 125 8.08 14.83 4.33
N ALA B 126 8.66 13.86 5.02
CA ALA B 126 7.97 13.17 6.09
C ALA B 126 7.54 14.15 7.18
N ALA B 127 8.49 14.97 7.61
CA ALA B 127 8.24 15.95 8.66
C ALA B 127 7.08 16.88 8.35
N SER B 128 7.06 17.43 7.15
CA SER B 128 6.01 18.36 6.78
C SER B 128 4.63 17.77 6.46
N LEU B 129 4.58 16.56 5.90
CA LEU B 129 3.29 15.97 5.56
C LEU B 129 2.68 15.03 6.60
N LEU B 130 3.51 14.34 7.35
CA LEU B 130 3.03 13.41 8.38
C LEU B 130 2.56 14.12 9.65
N GLN B 131 1.49 14.88 9.55
CA GLN B 131 0.95 15.60 10.69
C GLN B 131 -0.53 15.25 10.89
N ALA B 132 -0.96 15.16 12.15
CA ALA B 132 -2.36 14.85 12.44
C ALA B 132 -3.24 15.86 11.70
N GLY B 133 -4.34 15.40 11.15
CA GLY B 133 -5.23 16.29 10.40
C GLY B 133 -4.99 16.16 8.92
N TYR B 134 -3.74 15.95 8.51
CA TYR B 134 -3.41 15.80 7.10
C TYR B 134 -3.91 14.47 6.58
N LYS B 135 -4.43 14.48 5.35
CA LYS B 135 -4.98 13.28 4.74
C LYS B 135 -4.10 12.58 3.70
N GLY B 136 -4.10 11.26 3.77
CA GLY B 136 -3.36 10.46 2.83
C GLY B 136 -4.39 9.62 2.11
N ARG B 137 -3.94 8.74 1.22
CA ARG B 137 -4.84 7.91 0.44
C ARG B 137 -4.38 6.45 0.50
N VAL B 138 -5.32 5.54 0.71
CA VAL B 138 -5.03 4.11 0.78
C VAL B 138 -5.82 3.44 -0.33
N THR B 139 -5.21 2.45 -0.96
CA THR B 139 -5.84 1.72 -2.06
C THR B 139 -5.65 0.22 -1.94
N GLY B 140 -6.57 -0.56 -2.50
CA GLY B 140 -6.44 -2.01 -2.42
C GLY B 140 -7.66 -2.77 -2.90
N TRP B 141 -7.48 -4.07 -3.08
CA TRP B 141 -8.54 -4.98 -3.54
C TRP B 141 -9.05 -5.86 -2.40
N GLY B 142 -8.87 -5.42 -1.16
CA GLY B 142 -9.32 -6.20 -0.02
C GLY B 142 -10.81 -6.12 0.30
N ASN B 143 -11.20 -6.76 1.40
CA ASN B 143 -12.59 -6.80 1.85
C ASN B 143 -13.28 -5.44 1.86
N LEU B 144 -14.54 -5.43 1.43
CA LEU B 144 -15.35 -4.22 1.38
C LEU B 144 -16.00 -4.06 2.74
N LYS B 145 -15.98 -5.13 3.51
CA LYS B 145 -16.57 -5.13 4.83
C LYS B 145 -15.74 -6.01 5.77
N GLU B 146 -15.85 -5.74 7.07
CA GLU B 146 -15.12 -6.52 8.07
C GLU B 146 -15.54 -7.98 8.02
N THR B 147 -16.85 -8.22 7.98
CA THR B 147 -17.41 -9.57 7.91
C THR B 147 -18.36 -9.67 6.72
N GLY C 1 -18.87 -8.49 -1.13
CA GLY C 1 -17.73 -8.77 -0.21
C GLY C 1 -16.36 -8.45 -0.79
N GLN C 2 -16.21 -8.74 -2.08
CA GLN C 2 -14.95 -8.49 -2.78
C GLN C 2 -15.27 -7.45 -3.86
N PRO C 3 -14.41 -6.46 -4.04
CA PRO C 3 -14.67 -5.43 -5.06
C PRO C 3 -14.33 -5.95 -6.44
N SER C 4 -14.95 -5.38 -7.47
CA SER C 4 -14.63 -5.82 -8.82
C SER C 4 -13.42 -5.03 -9.32
N VAL C 5 -13.24 -3.81 -8.82
CA VAL C 5 -12.09 -3.01 -9.20
C VAL C 5 -11.37 -2.42 -7.99
N LEU C 6 -10.18 -1.89 -8.22
CA LEU C 6 -9.36 -1.27 -7.18
C LEU C 6 -10.16 -0.23 -6.39
N GLN C 7 -10.08 -0.29 -5.06
CA GLN C 7 -10.78 0.67 -4.22
C GLN C 7 -9.84 1.73 -3.68
N VAL C 8 -10.39 2.90 -3.36
CA VAL C 8 -9.59 4.00 -2.84
C VAL C 8 -10.34 4.74 -1.75
N VAL C 9 -9.59 5.31 -0.81
CA VAL C 9 -10.17 6.10 0.26
C VAL C 9 -9.12 7.04 0.84
N ASN C 10 -9.52 8.28 1.08
CA ASN C 10 -8.63 9.27 1.66
C ASN C 10 -8.94 9.32 3.15
N LEU C 11 -7.91 9.30 3.97
CA LEU C 11 -8.09 9.32 5.43
C LEU C 11 -7.07 10.22 6.13
N PRO C 12 -7.52 10.91 7.19
CA PRO C 12 -6.63 11.81 7.94
C PRO C 12 -5.74 11.08 8.94
N ILE C 13 -4.50 11.56 9.08
CA ILE C 13 -3.55 10.98 10.03
C ILE C 13 -4.06 11.36 11.44
N VAL C 14 -4.00 10.42 12.37
CA VAL C 14 -4.47 10.68 13.74
C VAL C 14 -3.37 10.92 14.76
N GLU C 15 -3.68 11.76 15.75
CA GLU C 15 -2.74 12.08 16.83
C GLU C 15 -2.31 10.82 17.56
N ARG C 16 -1.03 10.74 17.89
CA ARG C 16 -0.48 9.58 18.58
C ARG C 16 -1.26 9.18 19.84
N PRO C 17 -1.56 10.15 20.73
CA PRO C 17 -2.30 9.84 21.95
C PRO C 17 -3.61 9.12 21.66
N VAL C 18 -4.29 9.54 20.60
CA VAL C 18 -5.54 8.93 20.21
C VAL C 18 -5.33 7.52 19.65
N CYS C 19 -4.31 7.35 18.81
CA CYS C 19 -4.03 6.04 18.26
C CYS C 19 -3.80 5.07 19.41
N LYS C 20 -2.89 5.44 20.31
CA LYS C 20 -2.54 4.62 21.46
C LYS C 20 -3.76 4.23 22.31
N ASP C 21 -4.64 5.19 22.55
CA ASP C 21 -5.84 4.96 23.37
C ASP C 21 -6.94 4.18 22.68
N SER C 22 -6.76 3.86 21.40
CA SER C 22 -7.78 3.14 20.66
C SER C 22 -7.51 1.64 20.62
N THR C 23 -6.35 1.23 21.10
CA THR C 23 -5.99 -0.18 21.03
C THR C 23 -5.22 -0.69 22.23
N ARG C 24 -5.17 -2.01 22.35
CA ARG C 24 -4.45 -2.67 23.44
C ARG C 24 -3.05 -3.03 22.95
N ILE C 25 -2.88 -3.05 21.64
CA ILE C 25 -1.59 -3.39 21.03
C ILE C 25 -0.57 -2.29 21.28
N ARG C 26 0.68 -2.70 21.56
CA ARG C 26 1.75 -1.74 21.80
C ARG C 26 2.18 -1.05 20.50
N ILE C 27 2.01 0.26 20.45
CA ILE C 27 2.37 1.06 19.28
C ILE C 27 3.84 1.50 19.37
N THR C 28 4.53 1.55 18.25
CA THR C 28 5.92 1.98 18.25
C THR C 28 6.03 3.14 17.27
N ASP C 29 7.17 3.83 17.29
CA ASP C 29 7.42 4.95 16.39
C ASP C 29 7.47 4.52 14.92
N ASN C 30 7.51 3.22 14.67
CA ASN C 30 7.56 2.71 13.30
C ASN C 30 6.16 2.49 12.76
N MET C 31 5.18 3.07 13.45
CA MET C 31 3.79 2.94 13.05
C MET C 31 3.14 4.30 13.19
N PHE C 32 1.97 4.45 12.59
CA PHE C 32 1.18 5.67 12.71
C PHE C 32 -0.22 5.18 12.35
N CYS C 33 -1.25 5.87 12.83
CA CYS C 33 -2.61 5.43 12.53
C CYS C 33 -3.38 6.55 11.83
N ALA C 34 -4.39 6.17 11.08
CA ALA C 34 -5.21 7.11 10.34
C ALA C 34 -6.67 6.68 10.28
N GLY C 35 -7.56 7.65 10.06
CA GLY C 35 -8.98 7.36 9.98
C GLY C 35 -9.79 8.45 10.67
N TYR C 36 -11.08 8.48 10.39
CA TYR C 36 -11.93 9.49 11.03
C TYR C 36 -12.41 9.04 12.39
N LYS C 37 -12.61 10.01 13.27
CA LYS C 37 -13.09 9.74 14.62
C LYS C 37 -14.60 9.66 14.55
N PRO C 38 -15.24 9.01 15.54
CA PRO C 38 -16.69 8.86 15.57
C PRO C 38 -17.52 10.12 15.30
N ASP C 39 -17.10 11.24 15.89
CA ASP C 39 -17.85 12.48 15.73
C ASP C 39 -17.59 13.25 14.44
N GLU C 40 -16.70 12.73 13.59
CA GLU C 40 -16.40 13.39 12.32
C GLU C 40 -17.37 12.97 11.22
N GLY C 41 -18.13 11.92 11.48
CA GLY C 41 -19.11 11.46 10.50
C GLY C 41 -18.60 10.57 9.38
N LYS C 42 -17.65 11.08 8.60
CA LYS C 42 -17.09 10.31 7.49
C LYS C 42 -16.44 9.03 7.99
N ARG C 43 -16.44 8.01 7.13
CA ARG C 43 -15.87 6.71 7.46
C ARG C 43 -14.79 6.32 6.46
N GLY C 44 -14.35 5.07 6.55
CA GLY C 44 -13.33 4.58 5.65
C GLY C 44 -12.21 3.93 6.42
N ASP C 45 -11.65 2.86 5.87
CA ASP C 45 -10.57 2.15 6.51
C ASP C 45 -10.07 1.07 5.56
N ALA C 46 -8.82 0.66 5.76
CA ALA C 46 -8.23 -0.42 4.97
C ALA C 46 -8.80 -1.66 5.67
N CYS C 47 -8.53 -2.85 5.14
CA CYS C 47 -9.06 -4.05 5.75
C CYS C 47 -8.29 -5.27 5.25
N GLU C 48 -8.75 -6.47 5.64
CA GLU C 48 -8.11 -7.72 5.22
C GLU C 48 -7.95 -7.70 3.70
N GLY C 49 -6.79 -8.13 3.21
CA GLY C 49 -6.58 -8.14 1.76
C GLY C 49 -5.89 -6.90 1.23
N ASP C 50 -5.99 -5.80 1.96
CA ASP C 50 -5.35 -4.54 1.59
C ASP C 50 -3.91 -4.54 2.12
N SER C 51 -3.64 -5.44 3.05
CA SER C 51 -2.32 -5.56 3.68
C SER C 51 -1.19 -5.40 2.67
N GLY C 52 -0.15 -4.67 3.06
CA GLY C 52 0.98 -4.47 2.18
C GLY C 52 0.84 -3.30 1.23
N GLY C 53 -0.40 -2.85 1.01
CA GLY C 53 -0.65 -1.75 0.12
C GLY C 53 -0.12 -0.40 0.59
N PRO C 54 -0.10 0.60 -0.28
CA PRO C 54 0.42 1.91 0.13
C PRO C 54 -0.54 2.96 0.66
N PHE C 55 -0.02 3.77 1.59
CA PHE C 55 -0.74 4.90 2.14
C PHE C 55 0.13 6.01 1.55
N VAL C 56 -0.45 6.82 0.66
CA VAL C 56 0.32 7.87 0.01
C VAL C 56 -0.21 9.27 0.23
N MET C 57 0.66 10.25 0.03
CA MET C 57 0.29 11.65 0.16
C MET C 57 0.88 12.42 -1.03
N LYS C 58 0.14 13.42 -1.50
CA LYS C 58 0.63 14.21 -2.62
C LYS C 58 1.22 15.49 -2.10
N SER C 59 2.48 15.73 -2.45
CA SER C 59 3.16 16.94 -2.00
C SER C 59 2.62 18.20 -2.70
N PRO C 60 2.29 19.23 -1.92
CA PRO C 60 1.77 20.48 -2.50
C PRO C 60 2.93 21.34 -2.99
N PHE C 61 4.16 20.89 -2.73
CA PHE C 61 5.36 21.62 -3.12
C PHE C 61 5.87 21.26 -4.51
N ASN C 62 5.96 19.96 -4.82
CA ASN C 62 6.43 19.51 -6.12
C ASN C 62 5.39 18.65 -6.83
N ASN C 63 4.22 18.54 -6.21
CA ASN C 63 3.08 17.78 -6.73
C ASN C 63 3.35 16.31 -7.06
N ARG C 64 4.25 15.66 -6.31
CA ARG C 64 4.55 14.25 -6.52
C ARG C 64 3.90 13.41 -5.41
N TRP C 65 3.58 12.16 -5.72
CA TRP C 65 2.99 11.28 -4.72
C TRP C 65 4.09 10.54 -3.99
N TYR C 66 4.01 10.55 -2.66
CA TYR C 66 4.98 9.90 -1.78
C TYR C 66 4.31 8.83 -0.95
N GLN C 67 4.96 7.69 -0.78
CA GLN C 67 4.37 6.65 0.05
C GLN C 67 4.87 6.81 1.47
N MET C 68 3.97 7.19 2.37
CA MET C 68 4.32 7.39 3.77
C MET C 68 4.10 6.14 4.61
N GLY C 69 3.15 5.30 4.20
CA GLY C 69 2.88 4.12 4.99
C GLY C 69 2.52 2.87 4.20
N ILE C 70 2.44 1.76 4.92
CA ILE C 70 2.10 0.47 4.34
C ILE C 70 0.97 -0.08 5.21
N VAL C 71 -0.12 -0.56 4.59
CA VAL C 71 -1.22 -1.10 5.39
C VAL C 71 -0.65 -2.24 6.20
N SER C 72 -0.76 -2.15 7.53
CA SER C 72 -0.19 -3.18 8.42
C SER C 72 -1.19 -3.94 9.28
N TRP C 73 -1.94 -3.23 10.12
CA TRP C 73 -2.91 -3.90 10.98
C TRP C 73 -4.03 -3.02 11.50
N GLY C 74 -4.98 -3.65 12.18
CA GLY C 74 -6.10 -2.93 12.74
C GLY C 74 -7.05 -3.89 13.42
N GLU C 75 -7.81 -3.37 14.38
CA GLU C 75 -8.77 -4.18 15.12
C GLU C 75 -10.12 -4.02 14.42
N GLY C 76 -10.49 -5.03 13.64
CA GLY C 76 -11.72 -4.96 12.88
C GLY C 76 -11.44 -4.06 11.68
N CYS C 77 -12.49 -3.58 11.03
CA CYS C 77 -12.34 -2.69 9.88
C CYS C 77 -13.40 -1.60 9.95
N ASP C 78 -12.98 -0.35 9.92
CA ASP C 78 -13.87 0.82 9.97
C ASP C 78 -14.81 0.86 11.18
N ARG C 79 -14.33 0.42 12.33
CA ARG C 79 -15.13 0.44 13.54
C ARG C 79 -14.98 1.80 14.20
N ASP C 80 -16.08 2.34 14.73
CA ASP C 80 -16.03 3.64 15.41
C ASP C 80 -15.04 3.56 16.56
N GLY C 81 -14.17 4.56 16.68
CA GLY C 81 -13.21 4.57 17.77
C GLY C 81 -11.94 3.77 17.49
N LYS C 82 -11.91 3.05 16.37
CA LYS C 82 -10.73 2.27 16.01
C LYS C 82 -10.08 2.92 14.80
N TYR C 83 -8.78 2.65 14.59
CA TYR C 83 -8.09 3.22 13.45
C TYR C 83 -7.22 2.22 12.73
N GLY C 84 -6.83 2.56 11.50
CA GLY C 84 -5.99 1.68 10.73
C GLY C 84 -4.56 2.04 11.08
N PHE C 85 -3.71 1.02 11.25
CA PHE C 85 -2.31 1.25 11.57
C PHE C 85 -1.44 0.93 10.37
N TYR C 86 -0.46 1.79 10.13
CA TYR C 86 0.42 1.64 8.99
C TYR C 86 1.89 1.68 9.35
N THR C 87 2.70 0.93 8.60
CA THR C 87 4.13 0.93 8.84
C THR C 87 4.66 2.29 8.41
N HIS C 88 5.48 2.91 9.25
CA HIS C 88 6.07 4.25 8.98
C HIS C 88 7.23 4.07 8.01
N VAL C 89 6.99 4.30 6.73
CA VAL C 89 8.03 4.12 5.73
C VAL C 89 9.30 4.96 5.92
N PHE C 90 9.17 6.24 6.19
CA PHE C 90 10.38 7.03 6.37
C PHE C 90 11.23 6.51 7.52
N ARG C 91 10.60 6.16 8.62
CA ARG C 91 11.33 5.66 9.78
C ARG C 91 12.20 4.45 9.43
N LEU C 92 11.79 3.69 8.43
CA LEU C 92 12.54 2.50 8.03
C LEU C 92 13.30 2.68 6.72
N LYS C 93 13.48 3.92 6.29
CA LYS C 93 14.16 4.16 5.02
C LYS C 93 15.64 3.81 4.97
N LYS C 94 16.36 3.89 6.09
CA LYS C 94 17.78 3.55 6.06
C LYS C 94 17.93 2.09 5.65
N TRP C 95 17.04 1.24 6.19
CA TRP C 95 17.05 -0.17 5.86
C TRP C 95 16.73 -0.36 4.38
N ILE C 96 15.71 0.34 3.91
CA ILE C 96 15.31 0.24 2.51
C ILE C 96 16.49 0.54 1.59
N GLN C 97 17.17 1.66 1.84
CA GLN C 97 18.31 2.08 1.03
C GLN C 97 19.48 1.09 1.15
N LYS C 98 19.67 0.54 2.35
CA LYS C 98 20.74 -0.41 2.58
C LYS C 98 20.54 -1.66 1.73
N VAL C 99 19.30 -2.14 1.66
CA VAL C 99 18.98 -3.33 0.89
C VAL C 99 19.18 -3.12 -0.62
N ILE C 100 18.66 -2.01 -1.12
CA ILE C 100 18.76 -1.68 -2.53
C ILE C 100 20.21 -1.40 -2.95
N ASP C 101 20.96 -0.72 -2.09
CA ASP C 101 22.36 -0.45 -2.42
C ASP C 101 23.05 -1.82 -2.44
N GLN C 102 22.42 -2.79 -1.77
CA GLN C 102 22.91 -4.16 -1.68
C GLN C 102 24.25 -4.30 -0.98
N ASP D 1 -12.24 -17.39 -8.18
CA ASP D 1 -12.94 -16.72 -9.31
C ASP D 1 -12.00 -15.83 -10.11
N PHE D 2 -10.71 -16.11 -10.02
CA PHE D 2 -9.70 -15.36 -10.75
C PHE D 2 -9.51 -15.97 -12.12
N GLU D 3 -9.54 -15.12 -13.15
CA GLU D 3 -9.35 -15.60 -14.51
C GLU D 3 -7.93 -16.12 -14.64
N GLU D 4 -7.79 -17.25 -15.33
CA GLU D 4 -6.49 -17.88 -15.53
C GLU D 4 -5.55 -16.92 -16.25
N ILE D 5 -4.28 -16.92 -15.84
CA ILE D 5 -3.27 -16.07 -16.45
C ILE D 5 -2.43 -16.92 -17.40
N PRO D 6 -1.86 -16.30 -18.45
CA PRO D 6 -1.04 -17.01 -19.44
C PRO D 6 -0.10 -18.04 -18.80
N GLU D 7 0.13 -19.13 -19.52
CA GLU D 7 1.00 -20.19 -19.01
C GLU D 7 2.44 -19.75 -18.87
N GLU D 8 2.85 -18.81 -19.70
CA GLU D 8 4.22 -18.30 -19.68
C GLU D 8 4.66 -17.81 -18.30
N TYS D 9 3.70 -17.41 -17.47
CA TYS D 9 4.04 -16.92 -16.13
CB TYS D 9 3.04 -15.83 -15.73
CG TYS D 9 3.00 -14.70 -16.72
CD1 TYS D 9 1.93 -14.56 -17.61
CD2 TYS D 9 4.03 -13.77 -16.77
CE1 TYS D 9 1.91 -13.52 -18.54
CE2 TYS D 9 4.01 -12.72 -17.69
CZ TYS D 9 2.95 -12.61 -18.57
OH TYS D 9 2.91 -11.58 -19.47
S TYS D 9 2.37 -10.28 -19.10
O1 TYS D 9 1.06 -10.14 -18.40
O2 TYS D 9 3.42 -9.63 -18.29
O3 TYS D 9 2.30 -9.67 -20.42
C TYS D 9 4.12 -18.00 -15.06
O TYS D 9 3.88 -17.73 -13.89
N LEU D 10 4.47 -19.20 -15.48
CA LEU D 10 4.61 -20.33 -14.56
C LEU D 10 3.30 -20.72 -13.90
C1 NAG E . 11.44 -19.31 6.59
C2 NAG E . 12.34 -19.50 7.81
C3 NAG E . 13.81 -19.42 7.39
C4 NAG E . 14.09 -20.40 6.25
C5 NAG E . 13.10 -20.15 5.11
C6 NAG E . 13.26 -21.13 3.97
C7 NAG E . 11.09 -18.76 9.72
C8 NAG E . 10.81 -17.69 10.75
N2 NAG E . 12.02 -18.51 8.81
O3 NAG E . 14.63 -19.72 8.51
O4 NAG E . 15.42 -20.22 5.79
O5 NAG E . 11.76 -20.29 5.60
O6 NAG E . 12.94 -22.44 4.39
O7 NAG E . 10.44 -19.83 9.73
NA NA F . -4.03 1.65 24.59
NA NA G . -12.77 3.91 12.73
N1 OSC H . -3.54 -8.49 12.22
C2 OSC H . -3.18 -9.84 12.71
C3 OSC H . -2.80 -8.25 10.95
C4 OSC H . -4.41 -7.59 12.82
C5 OSC H . -1.75 -10.03 12.16
C6 OSC H . -4.21 -10.92 12.21
C7 OSC H . -1.94 -9.51 10.72
C8 OSC H . -3.73 -8.06 9.79
C9 OSC H . -5.08 -7.97 14.14
O10 OSC H . -4.63 -6.51 12.33
C11 OSC H . -1.29 -11.51 12.10
C12 OSC H . -3.69 -12.37 12.39
N13 OSC H . -3.37 -7.25 8.76
O14 OSC H . -4.81 -8.62 9.78
C15 OSC H . -4.62 -7.05 15.29
N16 OSC H . -6.53 -7.87 13.95
C17 OSC H . -2.37 -12.53 11.60
O18 OSC H . -3.47 -12.65 13.78
C19 OSC H . -4.26 -7.07 7.60
C20 OSC H . -3.17 -7.37 15.66
C21 OSC H . -7.32 -8.98 14.09
C22 OSC H . -4.42 -5.56 7.30
C23 OSC H . -2.17 -6.41 15.45
C24 OSC H . -2.84 -8.64 16.21
C25 OSC H . -8.79 -8.85 13.87
O26 OSC H . -6.83 -10.05 14.39
C27 OSC H . -5.47 -4.92 8.20
C28 OSC H . -0.83 -6.70 15.78
C29 OSC H . -1.50 -8.93 16.54
C30 OSC H . -9.54 -8.70 15.21
O31 OSC H . -9.06 -7.71 13.03
C32 OSC H . -5.53 -3.44 8.48
C33 OSC H . -6.45 -5.54 8.81
C34 OSC H . -0.50 -7.95 16.33
C35 OSC H . -11.01 -8.95 14.98
N36 OSC H . -6.83 -3.22 9.14
C37 OSC H . -7.29 -4.56 9.59
C38 OSC H . -11.53 -10.26 15.04
C39 OSC H . -11.87 -7.86 14.70
C40 OSC H . -7.49 -2.03 9.31
C41 OSC H . -12.91 -10.48 14.82
C42 OSC H . -13.25 -8.09 14.48
N43 OSC H . -8.66 -1.98 10.02
N44 OSC H . -6.99 -0.93 8.79
C45 OSC H . -13.77 -9.39 14.54
#